data_5GI0
#
_entry.id   5GI0
#
_cell.length_a   76.812
_cell.length_b   50.690
_cell.length_c   38.318
_cell.angle_alpha   90.00
_cell.angle_beta   103.53
_cell.angle_gamma   90.00
#
_symmetry.space_group_name_H-M   'C 1 2 1'
#
loop_
_entity.id
_entity.type
_entity.pdbx_description
1 polymer 'Multiple organellar RNA editing factor 9, chloroplastic'
2 water water
#
_entity_poly.entity_id   1
_entity_poly.type   'polypeptide(L)'
_entity_poly.pdbx_seq_one_letter_code
;(MSE)EQRETI(MSE)LPGSDYNHWLIV(MSE)EFPKDPAPSRDQ(MSE)IDTYLNTLATVLGS(MSE)EEAKKN(MSE)
YAFSTTTYTGFQCTIDEETSEKFKGLPGVLWVLPDSYIDVKNKDYGGDKYINGEIIPSTYPTYQPKQLEHHHHHHHH
;
_entity_poly.pdbx_strand_id   A
#
# COMPACT_ATOMS: atom_id res chain seq x y z
N PRO A 10 14.10 6.54 5.43
CA PRO A 10 14.65 5.25 5.86
C PRO A 10 14.07 4.08 5.02
N GLY A 11 14.67 3.84 3.85
CA GLY A 11 13.98 3.16 2.77
C GLY A 11 13.11 4.08 1.94
N SER A 12 12.85 5.29 2.43
CA SER A 12 12.06 6.27 1.71
C SER A 12 12.95 6.99 0.71
N ASP A 13 12.59 6.89 -0.58
CA ASP A 13 13.39 7.45 -1.66
C ASP A 13 12.54 8.10 -2.73
N TYR A 14 11.28 8.44 -2.42
CA TYR A 14 10.35 9.07 -3.36
C TYR A 14 9.98 8.17 -4.53
N ASN A 15 10.35 6.90 -4.48
CA ASN A 15 9.96 5.94 -5.52
C ASN A 15 9.26 4.71 -4.94
N HIS A 16 8.88 4.76 -3.66
CA HIS A 16 8.06 3.73 -3.04
C HIS A 16 6.94 4.46 -2.33
N TRP A 17 5.69 4.09 -2.64
CA TRP A 17 4.53 4.85 -2.19
C TRP A 17 3.46 3.95 -1.60
N LEU A 18 2.98 4.32 -0.43
CA LEU A 18 1.85 3.67 0.21
C LEU A 18 0.58 4.40 -0.18
N ILE A 19 -0.38 3.68 -0.74
CA ILE A 19 -1.64 4.27 -1.18
C ILE A 19 -2.75 3.64 -0.35
N VAL A 20 -3.40 4.44 0.50
CA VAL A 20 -4.39 3.93 1.44
C VAL A 20 -5.77 4.16 0.87
N GLU A 22 -10.24 3.11 0.73
CA GLU A 22 -11.49 3.02 1.44
C GLU A 22 -12.42 2.08 0.67
N PHE A 23 -13.15 1.25 1.37
CA PHE A 23 -13.96 0.23 0.74
C PHE A 23 -15.39 0.26 1.26
N PRO A 24 -16.33 -0.24 0.48
CA PRO A 24 -17.69 -0.46 0.99
C PRO A 24 -17.68 -1.33 2.25
N LYS A 25 -18.65 -1.07 3.13
CA LYS A 25 -18.84 -1.90 4.33
C LYS A 25 -19.80 -3.03 4.00
N ASP A 26 -21.07 -2.68 3.75
CA ASP A 26 -22.28 -3.45 3.44
C ASP A 26 -21.97 -4.94 3.21
N PRO A 27 -21.82 -5.49 2.00
CA PRO A 27 -21.00 -6.72 1.93
C PRO A 27 -19.54 -6.32 2.06
N ALA A 28 -18.90 -6.83 3.09
CA ALA A 28 -17.48 -6.59 3.30
C ALA A 28 -16.71 -7.15 2.12
N PRO A 29 -15.89 -6.35 1.45
CA PRO A 29 -15.08 -6.89 0.35
C PRO A 29 -14.21 -8.03 0.84
N SER A 30 -14.15 -9.11 0.07
CA SER A 30 -13.25 -10.17 0.45
C SER A 30 -11.81 -9.67 0.35
N ARG A 31 -10.89 -10.50 0.86
CA ARG A 31 -9.48 -10.17 0.75
C ARG A 31 -9.03 -10.15 -0.72
N ASP A 32 -9.52 -11.10 -1.53
CA ASP A 32 -9.15 -11.10 -2.94
C ASP A 32 -9.75 -9.92 -3.69
N GLN A 33 -10.96 -9.47 -3.29
CA GLN A 33 -11.52 -8.28 -3.93
C GLN A 33 -10.64 -7.07 -3.68
N ILE A 35 -7.35 -7.00 -2.99
CA ILE A 35 -6.12 -7.10 -3.78
C ILE A 35 -6.38 -6.69 -5.21
N ASP A 36 -7.43 -7.26 -5.82
CA ASP A 36 -7.82 -6.87 -7.19
C ASP A 36 -8.07 -5.37 -7.31
N THR A 37 -8.76 -4.78 -6.33
CA THR A 37 -9.03 -3.34 -6.38
C THR A 37 -7.72 -2.54 -6.34
N TYR A 38 -6.76 -2.97 -5.50
CA TYR A 38 -5.46 -2.29 -5.48
C TYR A 38 -4.82 -2.31 -6.87
N LEU A 39 -4.79 -3.47 -7.50
CA LEU A 39 -4.21 -3.59 -8.83
C LEU A 39 -5.02 -2.80 -9.86
N ASN A 40 -6.35 -2.85 -9.76
CA ASN A 40 -7.17 -2.03 -10.66
C ASN A 40 -6.80 -0.57 -10.56
N THR A 41 -6.65 -0.07 -9.34
CA THR A 41 -6.38 1.35 -9.13
C THR A 41 -5.01 1.72 -9.69
N LEU A 42 -3.99 0.90 -9.38
CA LEU A 42 -2.66 1.14 -9.91
C LEU A 42 -2.64 1.03 -11.42
N ALA A 43 -3.44 0.11 -11.98
CA ALA A 43 -3.44 -0.08 -13.43
C ALA A 43 -4.03 1.11 -14.14
N THR A 44 -5.05 1.75 -13.57
CA THR A 44 -5.64 2.91 -14.23
C THR A 44 -4.67 4.07 -14.29
N VAL A 45 -3.85 4.24 -13.25
CA VAL A 45 -2.88 5.32 -13.28
C VAL A 45 -1.71 4.99 -14.20
N LEU A 46 -1.21 3.75 -14.15
CA LEU A 46 -0.08 3.33 -14.96
C LEU A 46 -0.48 3.01 -16.39
N GLY A 47 -1.76 2.87 -16.68
CA GLY A 47 -2.20 2.58 -18.02
C GLY A 47 -2.10 1.13 -18.45
N SER A 48 -1.62 0.24 -17.58
CA SER A 48 -1.59 -1.18 -17.95
C SER A 48 -1.61 -2.05 -16.71
N GLU A 50 -0.37 -5.10 -16.69
CA GLU A 50 0.95 -5.70 -16.65
C GLU A 50 1.91 -4.88 -15.78
N GLU A 51 1.91 -3.56 -15.95
CA GLU A 51 2.85 -2.73 -15.18
C GLU A 51 2.42 -2.60 -13.73
N ALA A 52 1.12 -2.66 -13.46
CA ALA A 52 0.67 -2.68 -12.07
C ALA A 52 1.12 -3.96 -11.36
N LYS A 53 0.98 -5.10 -12.02
CA LYS A 53 1.39 -6.36 -11.39
C LYS A 53 2.89 -6.38 -11.13
N LYS A 54 3.66 -5.67 -11.97
CA LYS A 54 5.11 -5.59 -11.82
C LYS A 54 5.53 -4.66 -10.70
N ASN A 55 4.75 -3.64 -10.41
CA ASN A 55 5.19 -2.59 -9.51
C ASN A 55 4.50 -2.59 -8.15
N TYR A 57 4.39 -4.21 -4.75
CA TYR A 57 5.22 -5.15 -4.00
C TYR A 57 4.66 -5.52 -2.64
N ALA A 58 3.71 -4.76 -2.08
CA ALA A 58 3.18 -5.09 -0.76
C ALA A 58 1.81 -4.44 -0.57
N PHE A 59 1.09 -4.89 0.44
CA PHE A 59 -0.28 -4.41 0.70
C PHE A 59 -0.72 -4.94 2.06
N SER A 60 -1.82 -4.37 2.55
CA SER A 60 -2.51 -4.96 3.69
C SER A 60 -4.00 -4.96 3.39
N THR A 61 -4.71 -5.92 3.97
CA THR A 61 -6.17 -5.88 4.00
C THR A 61 -6.69 -5.90 5.42
N THR A 62 -5.82 -5.69 6.41
CA THR A 62 -6.28 -5.73 7.79
C THR A 62 -5.83 -4.48 8.53
N THR A 63 -4.54 -4.43 8.89
CA THR A 63 -4.00 -3.29 9.62
C THR A 63 -4.32 -1.98 8.93
N TYR A 64 -4.19 -1.95 7.62
CA TYR A 64 -4.65 -0.85 6.80
C TYR A 64 -5.20 -1.46 5.52
N THR A 65 -5.99 -0.70 4.78
CA THR A 65 -6.50 -1.23 3.50
C THR A 65 -5.85 -0.42 2.39
N GLY A 66 -4.62 -0.82 2.03
CA GLY A 66 -3.92 -0.10 0.98
C GLY A 66 -2.80 -0.94 0.42
N PHE A 67 -2.09 -0.36 -0.55
CA PHE A 67 -1.02 -1.07 -1.23
C PHE A 67 0.20 -0.15 -1.37
N GLN A 68 1.34 -0.77 -1.67
CA GLN A 68 2.62 -0.08 -1.77
C GLN A 68 3.24 -0.42 -3.11
N CYS A 69 3.76 0.58 -3.82
CA CYS A 69 4.19 0.36 -5.19
C CYS A 69 5.41 1.20 -5.52
N THR A 70 6.17 0.74 -6.51
CA THR A 70 7.35 1.46 -6.99
C THR A 70 6.91 2.32 -8.16
N ILE A 71 6.65 3.59 -7.89
CA ILE A 71 6.28 4.57 -8.91
C ILE A 71 7.02 5.84 -8.52
N ASP A 72 7.16 6.76 -9.47
CA ASP A 72 7.86 7.97 -9.10
C ASP A 72 6.89 8.98 -8.46
N GLU A 73 7.46 10.09 -7.98
CA GLU A 73 6.64 11.07 -7.28
C GLU A 73 5.55 11.65 -8.17
N GLU A 74 5.90 12.02 -9.40
CA GLU A 74 4.90 12.56 -10.32
C GLU A 74 3.73 11.60 -10.46
N THR A 75 4.01 10.30 -10.59
CA THR A 75 2.97 9.31 -10.75
C THR A 75 2.10 9.19 -9.50
N SER A 76 2.71 9.25 -8.31
CA SER A 76 1.96 9.15 -7.06
C SER A 76 0.93 10.26 -6.92
N GLU A 77 1.24 11.47 -7.43
CA GLU A 77 0.30 12.58 -7.39
C GLU A 77 -1.01 12.24 -8.09
N LYS A 78 -0.95 11.42 -9.13
CA LYS A 78 -2.14 11.09 -9.90
C LYS A 78 -3.18 10.33 -9.07
N PHE A 79 -2.80 9.77 -7.93
CA PHE A 79 -3.74 9.03 -7.11
C PHE A 79 -4.59 9.90 -6.19
N LYS A 80 -4.19 11.16 -5.96
CA LYS A 80 -4.81 11.94 -4.89
C LYS A 80 -6.27 12.29 -5.20
N GLY A 81 -6.62 12.46 -6.46
CA GLY A 81 -8.03 12.73 -6.74
C GLY A 81 -8.92 11.50 -6.78
N LEU A 82 -8.34 10.31 -6.91
CA LEU A 82 -9.11 9.17 -7.39
C LEU A 82 -10.10 8.70 -6.33
N PRO A 83 -11.30 8.28 -6.75
CA PRO A 83 -12.29 7.76 -5.79
C PRO A 83 -11.73 6.56 -5.05
N GLY A 84 -11.96 6.55 -3.73
CA GLY A 84 -11.50 5.48 -2.87
C GLY A 84 -10.14 5.72 -2.24
N VAL A 85 -9.34 6.62 -2.79
CA VAL A 85 -7.99 6.88 -2.27
C VAL A 85 -8.08 7.90 -1.15
N LEU A 86 -7.59 7.53 0.04
CA LEU A 86 -7.55 8.42 1.20
C LEU A 86 -6.20 9.08 1.42
N TRP A 87 -5.10 8.34 1.22
CA TRP A 87 -3.77 8.88 1.49
C TRP A 87 -2.80 8.37 0.46
N VAL A 88 -1.88 9.22 0.07
CA VAL A 88 -0.73 8.86 -0.75
C VAL A 88 0.49 9.32 0.04
N LEU A 89 1.26 8.36 0.55
CA LEU A 89 2.34 8.62 1.49
C LEU A 89 3.59 7.85 1.12
N PRO A 90 4.77 8.41 1.37
CA PRO A 90 6.01 7.68 1.02
C PRO A 90 6.19 6.48 1.94
N ASP A 91 6.52 5.35 1.35
CA ASP A 91 6.75 4.13 2.11
C ASP A 91 8.16 4.12 2.71
N SER A 92 8.35 3.29 3.73
CA SER A 92 9.63 3.20 4.39
C SER A 92 9.79 1.79 4.97
N TYR A 93 11.04 1.46 5.29
CA TYR A 93 11.33 0.15 5.88
C TYR A 93 10.72 0.03 7.28
N ILE A 94 10.21 -1.17 7.58
CA ILE A 94 10.02 -1.57 8.97
C ILE A 94 11.18 -2.40 9.49
N ASP A 95 12.16 -2.72 8.64
CA ASP A 95 13.27 -3.59 9.02
C ASP A 95 14.42 -3.31 8.06
N VAL A 96 15.38 -2.49 8.51
CA VAL A 96 16.47 -2.06 7.62
C VAL A 96 17.29 -3.25 7.14
N LYS A 97 17.55 -4.23 8.03
CA LYS A 97 18.44 -5.33 7.67
C LYS A 97 17.89 -6.11 6.48
N ASN A 98 16.59 -6.37 6.46
CA ASN A 98 15.97 -7.17 5.41
C ASN A 98 15.43 -6.33 4.27
N LYS A 99 15.61 -5.01 4.32
CA LYS A 99 14.95 -4.07 3.41
C LYS A 99 13.47 -4.41 3.25
N ASP A 100 12.80 -4.58 4.39
CA ASP A 100 11.39 -4.97 4.45
C ASP A 100 10.54 -3.72 4.58
N TYR A 101 9.64 -3.51 3.62
CA TYR A 101 8.74 -2.37 3.69
C TYR A 101 7.49 -2.65 4.51
N GLY A 102 7.28 -3.89 4.93
CA GLY A 102 6.11 -4.22 5.71
C GLY A 102 4.88 -4.52 4.88
N GLY A 103 3.89 -5.14 5.52
CA GLY A 103 2.71 -5.60 4.84
C GLY A 103 2.96 -6.94 4.16
N ASP A 104 1.87 -7.59 3.74
CA ASP A 104 2.00 -8.81 2.94
C ASP A 104 2.68 -8.47 1.62
N LYS A 105 3.51 -9.39 1.13
CA LYS A 105 4.22 -9.14 -0.12
C LYS A 105 3.44 -9.72 -1.30
N TYR A 106 3.46 -8.98 -2.41
CA TYR A 106 2.90 -9.42 -3.69
C TYR A 106 4.07 -9.68 -4.63
N ILE A 107 4.23 -10.93 -5.06
CA ILE A 107 5.33 -11.31 -5.95
C ILE A 107 4.69 -12.02 -7.14
N ASN A 108 4.34 -11.25 -8.17
CA ASN A 108 3.78 -11.77 -9.42
C ASN A 108 2.58 -12.68 -9.18
N GLY A 109 1.62 -12.19 -8.39
CA GLY A 109 0.42 -12.93 -8.07
C GLY A 109 0.50 -13.72 -6.77
N GLU A 110 1.70 -14.12 -6.37
CA GLU A 110 1.90 -14.95 -5.19
C GLU A 110 2.01 -14.05 -3.96
N ILE A 111 1.34 -14.44 -2.88
CA ILE A 111 1.23 -13.62 -1.68
C ILE A 111 2.10 -14.23 -0.60
N ILE A 112 2.96 -13.43 0.01
CA ILE A 112 3.73 -13.86 1.19
C ILE A 112 3.22 -13.09 2.40
N PRO A 113 2.45 -13.71 3.30
CA PRO A 113 1.99 -13.01 4.51
C PRO A 113 3.15 -12.38 5.28
N SER A 114 2.85 -11.25 5.92
CA SER A 114 3.87 -10.41 6.53
C SER A 114 4.43 -11.03 7.82
N THR A 115 5.65 -10.60 8.17
CA THR A 115 6.27 -11.08 9.40
C THR A 115 5.60 -10.51 10.64
N TYR A 116 5.21 -9.25 10.62
CA TYR A 116 4.52 -8.61 11.75
C TYR A 116 3.19 -8.05 11.23
N PRO A 117 2.14 -8.88 11.18
CA PRO A 117 0.91 -8.46 10.50
C PRO A 117 0.18 -7.31 11.17
N THR A 118 0.22 -7.22 12.50
CA THR A 118 -0.51 -6.19 13.24
C THR A 118 0.31 -4.93 13.46
N TYR A 119 1.53 -4.87 12.92
CA TYR A 119 2.42 -3.74 13.16
C TYR A 119 1.94 -2.51 12.39
N GLN A 120 1.74 -1.40 13.11
CA GLN A 120 1.27 -0.18 12.48
C GLN A 120 2.45 0.52 11.82
N PRO A 121 2.40 0.78 10.52
CA PRO A 121 3.49 1.52 9.87
C PRO A 121 3.58 2.95 10.41
N LYS A 122 4.80 3.48 10.42
CA LYS A 122 4.99 4.83 10.95
C LYS A 122 4.13 5.84 10.21
N GLN A 123 3.97 5.66 8.90
CA GLN A 123 3.18 6.62 8.13
C GLN A 123 1.74 6.70 8.59
N LEU A 124 1.21 5.65 9.22
CA LEU A 124 -0.19 5.61 9.63
C LEU A 124 -0.35 5.72 11.14
N GLU A 125 0.70 6.12 11.85
CA GLU A 125 0.65 6.38 13.28
C GLU A 125 -0.52 7.29 13.66
N HIS A 126 -1.17 6.97 14.77
CA HIS A 126 -2.11 7.88 15.39
C HIS A 126 -1.39 8.57 16.54
N HIS A 127 -1.50 9.90 16.59
CA HIS A 127 -0.95 10.63 17.71
C HIS A 127 -1.94 10.57 18.86
N HIS A 128 -1.47 10.12 20.02
CA HIS A 128 -2.32 9.98 21.20
C HIS A 128 -2.00 11.12 22.16
N HIS A 129 -3.02 11.90 22.53
CA HIS A 129 -2.80 13.05 23.39
C HIS A 129 -2.37 12.59 24.77
N HIS A 130 -1.28 13.17 25.27
CA HIS A 130 -0.77 12.86 26.60
C HIS A 130 -1.38 13.87 27.57
N HIS A 131 -2.47 13.47 28.22
CA HIS A 131 -3.11 14.29 29.25
C HIS A 131 -2.37 14.15 30.56
#